data_4IVN
#
_entry.id   4IVN
#
_cell.length_a   109.205
_cell.length_b   109.205
_cell.length_c   82.472
_cell.angle_alpha   90.00
_cell.angle_beta   90.00
_cell.angle_gamma   120.00
#
_symmetry.space_group_name_H-M   'P 31 2 1'
#
loop_
_entity.id
_entity.type
_entity.pdbx_description
1 polymer 'Transcriptional regulator'
2 non-polymer 2-acetamido-2-deoxy-6-O-phosphono-alpha-D-mannopyranose
3 water water
#
_entity_poly.entity_id   1
_entity_poly.type   'polypeptide(L)'
_entity_poly.pdbx_seq_one_letter_code
;MGSPKNLLVRLRSNMEPFSKKLRVVADYILENAHDVQFQTITDLARNTQTSEATVVRLCRDMGYKGYSDFRMALAVDLSQ
TESRQQNHIEGDICDVSAQSAVDSLQDTAKLIDRKSLARIVERVHQAEFIGCIGVGASSIVGRYLAYRLIRIGKKAIMFE
DTHLAAMSASRSSQGDLWFAVSSSGSTKEVIHAAGLAYKRDIPVVSLTNINHSPLSSLSTEMLVAARPEGPLTGGAFASK
VGALLLVDVLVNSLLESYPEYKDSVQETAEVVIPLMAN
;
_entity_poly.pdbx_strand_id   A,B
#
# COMPACT_ATOMS: atom_id res chain seq x y z
N ASN A 6 29.92 -7.81 19.28
CA ASN A 6 30.06 -9.31 19.27
C ASN A 6 30.42 -10.01 17.94
N LEU A 7 29.50 -10.02 16.96
CA LEU A 7 29.96 -10.07 15.57
C LEU A 7 30.99 -8.92 15.38
N LEU A 8 30.73 -7.74 15.94
CA LEU A 8 31.70 -6.64 15.77
C LEU A 8 33.03 -6.87 16.51
N VAL A 9 32.93 -7.40 17.73
CA VAL A 9 34.14 -7.82 18.46
C VAL A 9 34.87 -8.93 17.69
N ARG A 10 34.12 -9.91 17.16
CA ARG A 10 34.77 -11.03 16.49
C ARG A 10 35.47 -10.55 15.26
N LEU A 11 34.88 -9.53 14.59
CA LEU A 11 35.47 -8.99 13.35
C LEU A 11 36.82 -8.37 13.67
N ARG A 12 36.81 -7.46 14.64
CA ARG A 12 38.04 -6.89 15.19
C ARG A 12 39.18 -7.89 15.50
N SER A 13 38.92 -8.86 16.36
CA SER A 13 39.98 -9.71 16.88
C SER A 13 40.32 -10.79 15.88
N ASN A 14 39.32 -11.41 15.26
CA ASN A 14 39.62 -12.52 14.34
C ASN A 14 40.09 -12.06 12.96
N MET A 15 40.48 -10.79 12.86
CA MET A 15 40.91 -10.29 11.55
C MET A 15 42.43 -10.29 11.29
N GLU A 16 43.20 -10.59 12.33
CA GLU A 16 44.64 -10.86 12.16
C GLU A 16 44.89 -11.89 11.05
N PRO A 17 44.25 -13.09 11.14
CA PRO A 17 44.43 -14.09 10.09
C PRO A 17 43.91 -13.72 8.68
N PHE A 18 43.11 -12.64 8.54
CA PHE A 18 42.59 -12.25 7.21
C PHE A 18 43.67 -11.66 6.31
N SER A 19 43.57 -11.99 5.01
CA SER A 19 44.33 -11.37 3.92
C SER A 19 44.09 -9.87 3.77
N LYS A 20 44.97 -9.17 3.04
CA LYS A 20 44.82 -7.74 2.77
C LYS A 20 43.45 -7.42 2.16
N LYS A 21 43.04 -8.20 1.16
CA LYS A 21 41.84 -7.89 0.43
C LYS A 21 40.64 -7.96 1.41
N LEU A 22 40.57 -9.06 2.15
CA LEU A 22 39.53 -9.25 3.20
C LEU A 22 39.61 -8.14 4.29
N ARG A 23 40.82 -7.68 4.63
CA ARG A 23 41.07 -6.62 5.65
C ARG A 23 40.45 -5.32 5.25
N VAL A 24 40.49 -5.03 3.93
CA VAL A 24 39.90 -3.81 3.42
C VAL A 24 38.40 -3.85 3.72
N VAL A 25 37.79 -5.00 3.48
CA VAL A 25 36.34 -5.11 3.70
C VAL A 25 36.07 -5.14 5.20
N ALA A 26 36.91 -5.86 5.97
CA ALA A 26 36.68 -5.92 7.41
C ALA A 26 36.76 -4.47 7.94
N ASP A 27 37.73 -3.71 7.46
CA ASP A 27 37.96 -2.32 7.95
C ASP A 27 36.82 -1.34 7.62
N TYR A 28 36.36 -1.42 6.38
CA TYR A 28 35.21 -0.63 5.95
C TYR A 28 33.99 -0.93 6.83
N ILE A 29 33.73 -2.21 7.12
CA ILE A 29 32.58 -2.53 7.92
C ILE A 29 32.72 -2.01 9.35
N LEU A 30 33.90 -2.21 9.95
CA LEU A 30 34.17 -1.81 11.34
C LEU A 30 33.99 -0.30 11.49
N GLU A 31 34.25 0.44 10.41
CA GLU A 31 34.14 1.89 10.42
C GLU A 31 32.80 2.41 10.02
N ASN A 32 31.99 1.60 9.35
CA ASN A 32 30.75 2.13 8.71
C ASN A 32 29.51 1.34 9.08
N ALA A 33 29.65 0.62 10.19
CA ALA A 33 28.81 -0.52 10.48
C ALA A 33 27.35 -0.16 10.55
N HIS A 34 27.04 0.99 11.14
CA HIS A 34 25.66 1.46 11.13
C HIS A 34 25.10 1.53 9.73
N ASP A 35 25.85 2.12 8.80
CA ASP A 35 25.30 2.24 7.43
C ASP A 35 25.31 0.91 6.60
N VAL A 36 26.22 0.00 6.93
CA VAL A 36 26.34 -1.24 6.22
C VAL A 36 24.99 -2.02 6.33
N GLN A 37 24.27 -1.85 7.44
CA GLN A 37 22.91 -2.49 7.65
C GLN A 37 22.02 -2.26 6.44
N PHE A 38 22.21 -1.12 5.82
CA PHE A 38 21.32 -0.70 4.73
C PHE A 38 21.93 -0.90 3.36
N GLN A 39 23.08 -1.62 3.26
CA GLN A 39 23.75 -1.79 1.97
C GLN A 39 23.48 -3.21 1.49
N THR A 40 23.42 -3.34 0.18
CA THR A 40 23.33 -4.62 -0.48
C THR A 40 24.71 -5.20 -0.69
N ILE A 41 24.80 -6.47 -1.08
CA ILE A 41 26.15 -7.03 -1.32
C ILE A 41 26.81 -6.18 -2.41
N THR A 42 25.98 -5.69 -3.35
CA THR A 42 26.45 -4.93 -4.57
C THR A 42 27.04 -3.59 -4.10
N ASP A 43 26.42 -2.97 -3.12
CA ASP A 43 27.01 -1.72 -2.52
C ASP A 43 28.29 -1.96 -1.76
N LEU A 44 28.29 -2.96 -0.88
CA LEU A 44 29.50 -3.22 -0.04
C LEU A 44 30.72 -3.50 -0.94
N ALA A 45 30.49 -4.25 -2.01
CA ALA A 45 31.49 -4.51 -3.01
C ALA A 45 32.00 -3.25 -3.70
N ARG A 46 31.08 -2.44 -4.19
CA ARG A 46 31.46 -1.15 -4.79
C ARG A 46 32.18 -0.23 -3.83
N ASN A 47 31.59 0.00 -2.66
CA ASN A 47 32.19 0.94 -1.72
C ASN A 47 33.60 0.53 -1.24
N THR A 48 33.90 -0.76 -1.32
CA THR A 48 35.20 -1.22 -0.91
C THR A 48 36.14 -1.48 -2.11
N GLN A 49 35.60 -1.33 -3.32
CA GLN A 49 36.30 -1.70 -4.56
C GLN A 49 36.85 -3.14 -4.52
N THR A 50 36.02 -4.11 -4.16
CA THR A 50 36.41 -5.52 -4.12
C THR A 50 35.29 -6.24 -4.86
N SER A 51 35.47 -7.50 -5.19
CA SER A 51 34.35 -8.24 -5.81
C SER A 51 33.27 -8.61 -4.76
N GLU A 52 32.12 -9.05 -5.23
CA GLU A 52 31.16 -9.62 -4.32
C GLU A 52 31.69 -10.93 -3.79
N ALA A 53 32.51 -11.62 -4.55
CA ALA A 53 33.14 -12.88 -4.02
C ALA A 53 34.00 -12.65 -2.74
N THR A 54 34.69 -11.50 -2.74
CA THR A 54 35.56 -11.15 -1.60
C THR A 54 34.67 -10.91 -0.36
N VAL A 55 33.58 -10.18 -0.56
CA VAL A 55 32.67 -9.85 0.55
C VAL A 55 32.10 -11.14 1.11
N VAL A 56 31.66 -12.04 0.20
CA VAL A 56 31.09 -13.32 0.60
C VAL A 56 32.12 -14.12 1.40
N ARG A 57 33.37 -14.17 0.89
CA ARG A 57 34.40 -14.92 1.57
C ARG A 57 34.63 -14.38 2.96
N LEU A 58 34.67 -13.07 3.13
CA LEU A 58 34.75 -12.50 4.49
C LEU A 58 33.57 -13.03 5.37
N CYS A 59 32.32 -12.84 4.88
CA CYS A 59 31.16 -13.35 5.54
C CYS A 59 31.33 -14.81 5.94
N ARG A 60 31.69 -15.69 5.01
CA ARG A 60 31.75 -17.09 5.39
C ARG A 60 32.94 -17.42 6.32
N ASP A 61 34.05 -16.69 6.15
CA ASP A 61 35.21 -16.88 7.01
C ASP A 61 34.81 -16.59 8.42
N MET A 62 33.80 -15.76 8.57
CA MET A 62 33.42 -15.32 9.90
C MET A 62 32.36 -16.22 10.43
N GLY A 63 32.06 -17.29 9.68
CA GLY A 63 31.13 -18.30 10.16
C GLY A 63 29.67 -18.02 9.79
N TYR A 64 29.42 -17.12 8.85
CA TYR A 64 28.04 -16.85 8.41
C TYR A 64 27.81 -17.56 7.11
N LYS A 65 26.55 -17.68 6.69
CA LYS A 65 26.23 -18.36 5.44
C LYS A 65 26.56 -17.51 4.24
N GLY A 66 26.64 -16.19 4.43
CA GLY A 66 26.72 -15.28 3.30
C GLY A 66 26.47 -13.84 3.75
N TYR A 67 26.34 -12.91 2.80
CA TYR A 67 26.23 -11.49 3.14
C TYR A 67 24.94 -11.21 3.91
N SER A 68 23.81 -11.71 3.40
CA SER A 68 22.53 -11.37 4.09
C SER A 68 22.51 -11.87 5.56
N ASP A 69 22.98 -13.10 5.81
CA ASP A 69 23.12 -13.68 7.18
C ASP A 69 24.01 -12.80 8.10
N PHE A 70 25.20 -12.52 7.60
CA PHE A 70 26.11 -11.51 8.22
C PHE A 70 25.42 -10.18 8.50
N ARG A 71 24.73 -9.60 7.47
CA ARG A 71 24.16 -8.26 7.65
C ARG A 71 23.05 -8.31 8.74
N MET A 72 22.26 -9.38 8.75
CA MET A 72 21.24 -9.57 9.82
C MET A 72 21.92 -9.60 11.22
N ALA A 73 22.97 -10.45 11.39
CA ALA A 73 23.68 -10.44 12.71
C ALA A 73 24.21 -9.07 13.02
N LEU A 74 24.70 -8.41 11.98
CA LEU A 74 25.22 -7.08 12.20
C LEU A 74 24.16 -6.18 12.84
N ALA A 75 22.95 -6.17 12.25
CA ALA A 75 21.89 -5.23 12.69
C ALA A 75 21.49 -5.59 14.13
N VAL A 76 21.42 -6.88 14.42
CA VAL A 76 21.04 -7.34 15.76
C VAL A 76 22.14 -6.94 16.74
N ASP A 77 23.41 -7.05 16.32
CA ASP A 77 24.57 -6.75 17.19
C ASP A 77 24.57 -5.24 17.50
N LEU A 78 24.32 -4.40 16.50
CA LEU A 78 24.21 -2.95 16.70
C LEU A 78 23.07 -2.57 17.63
N SER A 79 21.97 -3.31 17.51
CA SER A 79 20.71 -3.08 18.20
C SER A 79 20.78 -2.81 19.70
N GLN A 80 21.78 -3.37 20.36
CA GLN A 80 21.94 -3.16 21.79
C GLN A 80 22.57 -1.80 22.11
N THR A 81 22.60 -0.90 21.13
CA THR A 81 22.98 0.51 21.35
C THR A 81 22.24 1.46 20.40
N GLY A 91 6.72 14.67 19.08
CA GLY A 91 6.76 13.60 20.09
C GLY A 91 5.74 12.45 20.01
N ASP A 92 4.45 12.75 19.81
CA ASP A 92 3.36 11.76 19.78
C ASP A 92 3.50 10.68 18.62
N ILE A 93 3.22 9.43 18.93
CA ILE A 93 3.48 8.35 17.96
C ILE A 93 2.81 8.60 16.62
N CYS A 94 1.62 9.20 16.60
CA CYS A 94 1.03 9.60 15.35
C CYS A 94 1.87 10.57 14.59
N ASP A 95 2.37 11.58 15.29
CA ASP A 95 3.01 12.70 14.63
C ASP A 95 4.36 12.29 14.10
N VAL A 96 5.06 11.45 14.85
CA VAL A 96 6.34 10.93 14.36
C VAL A 96 6.16 9.96 13.18
N SER A 97 5.13 9.11 13.22
CA SER A 97 5.01 8.13 12.15
C SER A 97 4.67 8.89 10.87
N ALA A 98 3.78 9.88 10.99
CA ALA A 98 3.40 10.77 9.85
C ALA A 98 4.59 11.57 9.35
N GLN A 99 5.38 12.13 10.29
CA GLN A 99 6.53 12.90 9.85
C GLN A 99 7.57 12.09 9.06
N SER A 100 7.86 10.84 9.47
CA SER A 100 8.80 10.03 8.72
C SER A 100 8.31 9.89 7.29
N ALA A 101 7.02 9.54 7.15
CA ALA A 101 6.46 9.27 5.84
C ALA A 101 6.50 10.55 5.01
N VAL A 102 6.25 11.71 5.64
CA VAL A 102 6.42 13.00 4.92
C VAL A 102 7.80 13.17 4.37
N ASP A 103 8.81 12.91 5.21
CA ASP A 103 10.23 13.18 4.85
C ASP A 103 10.55 12.20 3.71
N SER A 104 10.12 10.96 3.85
CA SER A 104 10.32 10.01 2.76
C SER A 104 9.74 10.36 1.41
N LEU A 105 8.52 10.86 1.40
CA LEU A 105 7.87 11.32 0.17
C LEU A 105 8.66 12.45 -0.41
N GLN A 106 9.06 13.39 0.41
CA GLN A 106 9.76 14.53 -0.15
C GLN A 106 11.14 14.12 -0.67
N ASP A 107 11.85 13.31 0.11
CA ASP A 107 13.10 12.74 -0.40
C ASP A 107 12.97 11.98 -1.68
N THR A 108 11.97 11.09 -1.79
CA THR A 108 11.71 10.34 -3.02
C THR A 108 11.43 11.26 -4.23
N ALA A 109 10.54 12.23 -4.03
CA ALA A 109 10.32 13.29 -5.03
C ALA A 109 11.58 13.97 -5.50
N LYS A 110 12.54 14.32 -4.63
CA LYS A 110 13.71 15.02 -5.15
C LYS A 110 14.58 14.11 -5.95
N LEU A 111 14.71 12.86 -5.51
CA LEU A 111 15.51 11.80 -6.14
C LEU A 111 14.98 11.27 -7.46
N ILE A 112 13.69 11.44 -7.78
CA ILE A 112 13.14 10.79 -8.98
C ILE A 112 13.90 11.21 -10.24
N ASP A 113 14.35 10.24 -11.01
CA ASP A 113 15.08 10.51 -12.25
C ASP A 113 14.03 10.64 -13.33
N ARG A 114 13.83 11.86 -13.80
CA ARG A 114 12.71 12.16 -14.67
C ARG A 114 12.94 11.60 -16.09
N LYS A 115 14.23 11.47 -16.48
CA LYS A 115 14.61 10.86 -17.76
C LYS A 115 14.22 9.36 -17.76
N SER A 116 14.52 8.59 -16.69
CA SER A 116 14.04 7.21 -16.63
C SER A 116 12.54 7.10 -16.64
N LEU A 117 11.89 7.91 -15.78
CA LEU A 117 10.45 7.93 -15.62
C LEU A 117 9.77 8.08 -17.01
N ALA A 118 10.21 9.07 -17.81
CA ALA A 118 9.59 9.28 -19.17
C ALA A 118 9.73 8.03 -20.06
N ARG A 119 10.93 7.43 -20.02
CA ARG A 119 11.06 6.21 -20.73
C ARG A 119 10.15 5.08 -20.23
N ILE A 120 10.01 4.96 -18.90
CA ILE A 120 9.18 3.88 -18.32
C ILE A 120 7.69 4.07 -18.74
N VAL A 121 7.22 5.31 -18.72
CA VAL A 121 5.86 5.63 -19.21
C VAL A 121 5.61 5.14 -20.59
N GLU A 122 6.58 5.35 -21.49
CA GLU A 122 6.42 4.92 -22.86
C GLU A 122 6.37 3.40 -22.97
N ARG A 123 7.25 2.72 -22.25
CA ARG A 123 7.16 1.22 -22.18
C ARG A 123 5.78 0.71 -21.73
N VAL A 124 5.25 1.27 -20.66
CA VAL A 124 3.91 0.93 -20.20
C VAL A 124 2.84 1.19 -21.26
N HIS A 125 2.97 2.32 -21.90
CA HIS A 125 2.01 2.68 -22.94
C HIS A 125 2.02 1.65 -24.02
N GLN A 126 3.22 1.23 -24.45
CA GLN A 126 3.37 0.23 -25.53
C GLN A 126 2.95 -1.20 -25.09
N ALA A 127 3.00 -1.47 -23.78
CA ALA A 127 2.97 -2.85 -23.36
C ALA A 127 1.57 -3.43 -23.59
N GLU A 128 1.50 -4.65 -24.09
CA GLU A 128 0.22 -5.33 -24.16
C GLU A 128 -0.08 -6.11 -22.87
N PHE A 129 0.96 -6.46 -22.15
CA PHE A 129 0.72 -7.29 -20.91
C PHE A 129 1.78 -6.89 -19.93
N ILE A 130 1.36 -6.71 -18.67
CA ILE A 130 2.29 -6.26 -17.67
C ILE A 130 2.24 -7.24 -16.50
N GLY A 131 3.40 -7.82 -16.22
CA GLY A 131 3.53 -8.78 -15.12
C GLY A 131 4.21 -8.08 -13.97
N CYS A 132 3.75 -8.28 -12.72
CA CYS A 132 4.41 -7.61 -11.59
C CYS A 132 4.81 -8.65 -10.55
N ILE A 133 5.96 -8.45 -9.89
CA ILE A 133 6.52 -9.49 -9.01
C ILE A 133 6.98 -8.82 -7.73
N GLY A 134 6.57 -9.39 -6.57
CA GLY A 134 7.07 -8.91 -5.31
C GLY A 134 6.52 -9.74 -4.17
N VAL A 135 7.30 -9.85 -3.10
CA VAL A 135 6.89 -10.60 -1.90
C VAL A 135 6.91 -9.87 -0.61
N GLY A 136 6.23 -10.42 0.41
CA GLY A 136 6.22 -9.75 1.73
C GLY A 136 5.63 -8.36 1.55
N ALA A 137 6.25 -7.33 2.12
CA ALA A 137 5.70 -5.98 2.03
C ALA A 137 5.69 -5.45 0.62
N SER A 138 6.60 -5.94 -0.21
CA SER A 138 6.60 -5.50 -1.65
C SER A 138 5.37 -6.01 -2.38
N SER A 139 4.77 -7.11 -1.91
CA SER A 139 3.40 -7.50 -2.46
C SER A 139 2.42 -6.28 -2.48
N ILE A 140 2.45 -5.48 -1.43
CA ILE A 140 1.48 -4.33 -1.25
C ILE A 140 1.71 -3.34 -2.36
N VAL A 141 3.00 -3.07 -2.64
CA VAL A 141 3.36 -2.11 -3.71
C VAL A 141 3.01 -2.61 -5.13
N GLY A 142 3.34 -3.88 -5.41
CA GLY A 142 3.04 -4.53 -6.68
C GLY A 142 1.50 -4.63 -6.90
N ARG A 143 0.73 -4.93 -5.85
CA ARG A 143 -0.72 -4.90 -5.95
C ARG A 143 -1.22 -3.52 -6.26
N TYR A 144 -0.67 -2.50 -5.63
CA TYR A 144 -1.16 -1.15 -5.97
C TYR A 144 -0.88 -0.82 -7.43
N LEU A 145 0.29 -1.21 -7.91
CA LEU A 145 0.60 -1.01 -9.35
C LEU A 145 -0.38 -1.74 -10.30
N ALA A 146 -0.62 -3.03 -10.09
CA ALA A 146 -1.49 -3.72 -10.94
C ALA A 146 -2.89 -3.08 -10.86
N TYR A 147 -3.35 -2.75 -9.65
CA TYR A 147 -4.59 -2.01 -9.52
C TYR A 147 -4.63 -0.74 -10.32
N ARG A 148 -3.60 0.12 -10.20
CA ARG A 148 -3.64 1.38 -10.88
C ARG A 148 -3.59 1.15 -12.47
N LEU A 149 -2.84 0.13 -12.88
CA LEU A 149 -2.85 -0.33 -14.33
C LEU A 149 -4.22 -0.77 -14.83
N ILE A 150 -4.91 -1.58 -14.04
CA ILE A 150 -6.22 -2.06 -14.41
C ILE A 150 -7.21 -0.89 -14.49
N ARG A 151 -7.04 0.16 -13.65
CA ARG A 151 -7.89 1.37 -13.73
C ARG A 151 -7.78 2.05 -15.10
N ILE A 152 -6.56 2.08 -15.65
CA ILE A 152 -6.34 2.58 -17.03
C ILE A 152 -6.51 1.58 -18.16
N GLY A 153 -7.01 0.40 -17.84
CA GLY A 153 -7.44 -0.56 -18.87
C GLY A 153 -6.26 -1.41 -19.39
N LYS A 154 -5.14 -1.47 -18.64
CA LYS A 154 -4.01 -2.31 -19.08
C LYS A 154 -4.26 -3.72 -18.54
N LYS A 155 -3.73 -4.73 -19.22
CA LYS A 155 -3.74 -6.06 -18.52
C LYS A 155 -2.56 -6.11 -17.57
N ALA A 156 -2.79 -6.29 -16.28
CA ALA A 156 -1.68 -6.39 -15.32
C ALA A 156 -1.98 -7.53 -14.42
N ILE A 157 -0.97 -8.34 -14.18
CA ILE A 157 -1.08 -9.36 -13.15
C ILE A 157 0.02 -9.17 -12.12
N MET A 158 -0.37 -9.15 -10.86
CA MET A 158 0.58 -9.23 -9.77
C MET A 158 0.75 -10.70 -9.28
N PHE A 159 1.98 -11.21 -9.23
CA PHE A 159 2.23 -12.57 -8.65
C PHE A 159 2.88 -12.40 -7.24
N GLU A 160 2.36 -12.99 -6.17
CA GLU A 160 3.38 -13.35 -5.08
C GLU A 160 3.76 -14.85 -5.04
N ASP A 161 3.01 -15.64 -5.88
CA ASP A 161 3.54 -17.01 -6.14
C ASP A 161 4.75 -16.92 -7.10
N THR A 162 5.94 -17.07 -6.60
CA THR A 162 7.20 -16.80 -7.39
C THR A 162 7.50 -17.96 -8.32
N HIS A 163 6.87 -19.10 -8.08
CA HIS A 163 6.86 -20.24 -9.01
C HIS A 163 6.09 -19.93 -10.23
N LEU A 164 4.87 -19.39 -10.03
CA LEU A 164 4.04 -18.99 -11.17
C LEU A 164 4.70 -17.83 -11.92
N ALA A 165 5.24 -16.89 -11.14
CA ALA A 165 5.87 -15.68 -11.76
C ALA A 165 7.07 -16.19 -12.64
N ALA A 166 7.86 -17.10 -12.09
CA ALA A 166 8.97 -17.74 -12.93
C ALA A 166 8.42 -18.39 -14.20
N MET A 167 7.37 -19.22 -14.08
CA MET A 167 6.81 -19.86 -15.25
C MET A 167 6.31 -18.87 -16.30
N SER A 168 5.57 -17.83 -15.89
CA SER A 168 5.13 -16.79 -16.87
C SER A 168 6.27 -16.04 -17.51
N ALA A 169 7.23 -15.63 -16.71
CA ALA A 169 8.39 -14.88 -17.24
C ALA A 169 9.14 -15.74 -18.23
N SER A 170 9.19 -17.05 -17.98
CA SER A 170 10.08 -17.88 -18.81
C SER A 170 9.51 -18.02 -20.24
N ARG A 171 8.23 -17.69 -20.44
CA ARG A 171 7.61 -17.83 -21.75
C ARG A 171 7.23 -16.45 -22.28
N SER A 172 7.71 -15.45 -21.62
CA SER A 172 7.39 -14.09 -21.95
C SER A 172 7.85 -13.69 -23.38
N SER A 173 7.06 -12.86 -24.06
CA SER A 173 7.26 -12.63 -25.52
C SER A 173 6.98 -11.17 -25.83
N GLN A 174 7.36 -10.76 -27.04
CA GLN A 174 7.16 -9.38 -27.51
C GLN A 174 5.81 -8.82 -27.16
N GLY A 175 5.81 -7.64 -26.57
CA GLY A 175 4.61 -6.95 -26.15
C GLY A 175 4.43 -7.10 -24.62
N ASP A 176 5.18 -8.00 -23.99
CA ASP A 176 5.07 -8.08 -22.47
C ASP A 176 6.00 -7.02 -21.84
N LEU A 177 5.77 -6.63 -20.59
CA LEU A 177 6.67 -5.78 -19.80
C LEU A 177 6.55 -6.31 -18.33
N TRP A 178 7.67 -6.35 -17.62
CA TRP A 178 7.68 -6.83 -16.18
C TRP A 178 8.11 -5.76 -15.23
N PHE A 179 7.45 -5.68 -14.07
CA PHE A 179 7.94 -4.87 -12.98
C PHE A 179 8.40 -5.78 -11.82
N ALA A 180 9.60 -5.56 -11.34
CA ALA A 180 10.17 -6.36 -10.23
C ALA A 180 10.13 -5.39 -9.09
N VAL A 181 9.27 -5.64 -8.08
CA VAL A 181 9.15 -4.79 -6.90
C VAL A 181 9.86 -5.39 -5.71
N SER A 182 10.91 -4.73 -5.26
CA SER A 182 11.81 -5.28 -4.20
C SER A 182 12.58 -4.07 -3.64
N SER A 183 12.48 -3.78 -2.35
CA SER A 183 13.25 -2.66 -1.77
C SER A 183 14.73 -2.98 -1.86
N SER A 184 15.07 -4.25 -1.57
CA SER A 184 16.44 -4.64 -1.52
C SER A 184 17.05 -5.02 -2.87
N GLY A 185 16.22 -5.33 -3.85
CA GLY A 185 16.66 -6.06 -5.06
C GLY A 185 17.50 -7.28 -4.74
N SER A 186 17.27 -7.93 -3.58
CA SER A 186 18.12 -9.07 -3.16
C SER A 186 17.29 -10.27 -2.77
N THR A 187 15.99 -10.27 -3.07
CA THR A 187 15.13 -11.41 -2.71
C THR A 187 15.21 -12.51 -3.76
N LYS A 188 15.60 -13.70 -3.34
CA LYS A 188 16.06 -14.68 -4.28
C LYS A 188 15.05 -15.07 -5.40
N GLU A 189 13.83 -15.45 -5.00
CA GLU A 189 12.87 -15.91 -5.99
C GLU A 189 12.32 -14.74 -6.82
N VAL A 190 12.35 -13.54 -6.26
CA VAL A 190 11.91 -12.38 -7.06
C VAL A 190 12.93 -12.14 -8.16
N ILE A 191 14.23 -12.04 -7.81
CA ILE A 191 15.35 -11.87 -8.80
C ILE A 191 15.33 -12.91 -9.87
N HIS A 192 15.03 -14.16 -9.47
CA HIS A 192 15.09 -15.26 -10.40
C HIS A 192 14.01 -15.10 -11.47
N ALA A 193 12.80 -14.78 -11.05
CA ALA A 193 11.75 -14.57 -11.98
C ALA A 193 12.06 -13.33 -12.83
N ALA A 194 12.53 -12.22 -12.24
CA ALA A 194 12.79 -11.03 -13.08
C ALA A 194 13.86 -11.37 -14.12
N GLY A 195 14.87 -12.09 -13.67
CA GLY A 195 16.02 -12.58 -14.48
C GLY A 195 15.61 -13.41 -15.67
N LEU A 196 14.57 -14.22 -15.53
CA LEU A 196 14.07 -14.98 -16.68
C LEU A 196 13.51 -14.14 -17.86
N ALA A 197 12.75 -13.08 -17.54
CA ALA A 197 12.25 -12.15 -18.53
C ALA A 197 13.42 -11.35 -19.11
N TYR A 198 14.26 -10.81 -18.23
CA TYR A 198 15.42 -10.09 -18.67
C TYR A 198 16.24 -10.89 -19.66
N LYS A 199 16.40 -12.19 -19.41
CA LYS A 199 17.22 -13.02 -20.32
C LYS A 199 16.56 -13.33 -21.67
N ARG A 200 15.27 -13.14 -21.76
CA ARG A 200 14.61 -13.33 -23.03
C ARG A 200 14.38 -11.99 -23.74
N ASP A 201 15.14 -10.96 -23.37
CA ASP A 201 15.04 -9.61 -23.96
C ASP A 201 13.67 -8.94 -23.85
N ILE A 202 12.95 -9.24 -22.74
CA ILE A 202 11.66 -8.58 -22.48
C ILE A 202 11.99 -7.51 -21.47
N PRO A 203 11.51 -6.25 -21.64
CA PRO A 203 11.88 -5.24 -20.67
C PRO A 203 11.44 -5.51 -19.21
N VAL A 204 12.33 -5.14 -18.28
CA VAL A 204 12.06 -5.34 -16.85
C VAL A 204 12.30 -4.02 -16.22
N VAL A 205 11.35 -3.53 -15.43
CA VAL A 205 11.51 -2.21 -14.71
C VAL A 205 11.54 -2.56 -13.21
N SER A 206 12.55 -2.12 -12.49
CA SER A 206 12.62 -2.43 -11.05
C SER A 206 12.15 -1.24 -10.26
N LEU A 207 11.37 -1.52 -9.22
CA LEU A 207 11.00 -0.47 -8.28
C LEU A 207 11.57 -0.79 -6.93
N THR A 208 12.61 -0.06 -6.47
CA THR A 208 13.38 -0.52 -5.27
C THR A 208 13.63 0.70 -4.41
N ASN A 209 14.38 0.51 -3.33
CA ASN A 209 14.80 1.62 -2.51
C ASN A 209 16.32 1.60 -2.38
N ILE A 210 17.00 1.06 -3.40
CA ILE A 210 18.43 1.11 -3.39
C ILE A 210 18.95 1.20 -4.85
N ASN A 211 19.96 2.02 -5.06
CA ASN A 211 20.55 2.15 -6.39
C ASN A 211 21.25 0.94 -6.96
N HIS A 212 22.00 0.19 -6.12
CA HIS A 212 22.73 -0.97 -6.65
C HIS A 212 22.40 -2.23 -5.93
N SER A 213 22.21 -3.32 -6.67
CA SER A 213 21.67 -4.47 -6.01
C SER A 213 21.80 -5.53 -7.09
N PRO A 214 21.66 -6.82 -6.72
CA PRO A 214 21.62 -7.92 -7.71
C PRO A 214 20.57 -7.67 -8.83
N LEU A 215 19.45 -7.09 -8.41
CA LEU A 215 18.36 -6.78 -9.34
C LEU A 215 18.74 -5.73 -10.37
N SER A 216 19.58 -4.75 -9.99
CA SER A 216 19.89 -3.73 -11.02
C SER A 216 20.58 -4.25 -12.25
N SER A 217 21.32 -5.33 -12.17
CA SER A 217 21.94 -5.79 -13.37
C SER A 217 20.94 -6.68 -14.16
N LEU A 218 19.67 -6.77 -13.74
CA LEU A 218 18.68 -7.50 -14.55
C LEU A 218 17.52 -6.59 -14.83
N SER A 219 17.76 -5.29 -14.94
CA SER A 219 16.70 -4.26 -15.05
C SER A 219 16.93 -3.41 -16.28
N THR A 220 15.91 -3.25 -17.10
CA THR A 220 15.98 -2.36 -18.28
C THR A 220 15.97 -0.92 -17.76
N GLU A 221 15.13 -0.64 -16.77
CA GLU A 221 15.02 0.65 -16.13
C GLU A 221 14.86 0.48 -14.61
N MET A 222 15.09 1.52 -13.82
CA MET A 222 14.86 1.41 -12.38
C MET A 222 14.25 2.72 -11.88
N LEU A 223 13.35 2.64 -10.91
CA LEU A 223 12.92 3.88 -10.21
C LEU A 223 13.27 3.53 -8.77
N VAL A 224 13.90 4.48 -8.07
CA VAL A 224 14.43 4.27 -6.74
C VAL A 224 13.73 5.16 -5.74
N ALA A 225 13.11 4.58 -4.74
CA ALA A 225 12.45 5.35 -3.64
C ALA A 225 13.48 5.55 -2.52
N ALA A 226 13.31 6.59 -1.68
CA ALA A 226 14.15 6.84 -0.54
C ALA A 226 13.97 5.82 0.55
N ARG A 227 14.87 5.86 1.51
CA ARG A 227 14.88 4.92 2.68
C ARG A 227 15.10 3.46 2.33
N PRO A 228 16.38 3.06 2.13
CA PRO A 228 16.75 1.66 1.93
C PRO A 228 16.30 0.87 3.14
N GLU A 229 15.84 -0.35 2.95
CA GLU A 229 15.47 -1.17 4.13
C GLU A 229 16.69 -1.85 4.72
N GLY A 230 16.67 -2.19 6.01
CA GLY A 230 17.77 -2.96 6.66
C GLY A 230 17.11 -4.22 7.20
N PRO A 231 17.90 -5.12 7.83
CA PRO A 231 17.43 -6.40 8.25
C PRO A 231 16.25 -6.28 9.21
N LEU A 232 16.20 -5.20 9.99
CA LEU A 232 15.18 -5.08 11.01
C LEU A 232 14.12 -4.02 10.64
N THR A 233 14.27 -3.36 9.49
CA THR A 233 13.23 -2.43 9.01
C THR A 233 12.53 -2.83 7.69
N GLY A 234 12.30 -4.12 7.42
CA GLY A 234 11.67 -4.40 6.18
C GLY A 234 10.23 -3.95 6.34
N GLY A 235 9.61 -3.51 5.26
CA GLY A 235 8.19 -3.15 5.38
C GLY A 235 7.85 -1.82 6.01
N ALA A 236 8.86 -1.06 6.55
CA ALA A 236 8.65 0.21 7.20
C ALA A 236 7.81 1.10 6.30
N PHE A 237 6.90 1.84 6.92
CA PHE A 237 5.99 2.62 6.08
C PHE A 237 6.78 3.74 5.36
N ALA A 238 7.83 4.26 5.97
CA ALA A 238 8.58 5.28 5.31
C ALA A 238 9.30 4.73 4.02
N SER A 239 9.64 3.45 3.99
CA SER A 239 10.19 2.84 2.77
C SER A 239 9.10 2.54 1.71
N LYS A 240 7.96 2.05 2.16
CA LYS A 240 6.91 1.69 1.24
C LYS A 240 6.21 2.94 0.68
N VAL A 241 6.16 4.02 1.45
CA VAL A 241 5.41 5.17 0.99
C VAL A 241 6.10 5.76 -0.22
N GLY A 242 7.42 5.74 -0.27
CA GLY A 242 8.05 6.26 -1.47
C GLY A 242 7.92 5.35 -2.67
N ALA A 243 7.90 4.03 -2.43
CA ALA A 243 7.69 3.00 -3.54
C ALA A 243 6.27 3.22 -4.13
N LEU A 244 5.29 3.48 -3.25
CA LEU A 244 3.95 3.80 -3.75
C LEU A 244 3.86 5.12 -4.50
N LEU A 245 4.52 6.19 -4.02
CA LEU A 245 4.64 7.43 -4.78
C LEU A 245 5.20 7.21 -6.23
N LEU A 246 6.26 6.44 -6.36
CA LEU A 246 6.73 6.01 -7.72
C LEU A 246 5.62 5.42 -8.58
N VAL A 247 4.83 4.50 -8.00
CA VAL A 247 3.66 3.94 -8.72
C VAL A 247 2.70 5.06 -9.13
N ASP A 248 2.41 5.95 -8.17
CA ASP A 248 1.45 7.01 -8.48
C ASP A 248 1.91 7.94 -9.59
N VAL A 249 3.17 8.41 -9.48
CA VAL A 249 3.78 9.26 -10.50
C VAL A 249 3.88 8.56 -11.84
N LEU A 250 4.15 7.25 -11.84
CA LEU A 250 4.14 6.54 -13.10
C LEU A 250 2.79 6.69 -13.76
N VAL A 251 1.71 6.32 -13.08
CA VAL A 251 0.39 6.24 -13.71
C VAL A 251 -0.14 7.62 -13.95
N ASN A 252 0.14 8.55 -13.05
CA ASN A 252 -0.24 9.94 -13.36
C ASN A 252 0.45 10.55 -14.60
N SER A 253 1.74 10.24 -14.83
CA SER A 253 2.41 10.64 -16.08
C SER A 253 1.75 10.04 -17.26
N LEU A 254 1.42 8.75 -17.17
CA LEU A 254 0.70 8.09 -18.27
C LEU A 254 -0.61 8.87 -18.60
N LEU A 255 -1.36 9.20 -17.55
CA LEU A 255 -2.63 9.89 -17.72
C LEU A 255 -2.38 11.28 -18.33
N GLU A 256 -1.23 11.86 -17.98
CA GLU A 256 -0.95 13.18 -18.55
C GLU A 256 -0.49 13.05 -20.00
N SER A 257 0.26 12.00 -20.37
CA SER A 257 0.74 11.90 -21.76
C SER A 257 -0.35 11.37 -22.66
N TYR A 258 -1.25 10.56 -22.11
CA TYR A 258 -2.19 9.81 -22.90
C TYR A 258 -3.56 9.98 -22.25
N PRO A 259 -4.08 11.22 -22.32
CA PRO A 259 -5.39 11.53 -21.74
C PRO A 259 -6.52 10.58 -22.14
N GLU A 260 -6.39 9.81 -23.22
CA GLU A 260 -7.41 8.79 -23.52
C GLU A 260 -7.57 7.71 -22.39
N TYR A 261 -6.52 7.52 -21.58
CA TYR A 261 -6.65 6.61 -20.41
C TYR A 261 -7.71 7.01 -19.42
N LYS A 262 -8.04 8.30 -19.39
CA LYS A 262 -9.16 8.76 -18.59
C LYS A 262 -10.50 8.12 -18.94
N ASP A 263 -10.73 7.70 -20.19
CA ASP A 263 -11.93 6.92 -20.48
C ASP A 263 -11.94 5.61 -19.74
N SER A 264 -10.77 4.91 -19.61
CA SER A 264 -10.79 3.68 -18.81
C SER A 264 -11.02 3.98 -17.36
N VAL A 265 -10.46 5.07 -16.86
CA VAL A 265 -10.65 5.42 -15.42
C VAL A 265 -12.14 5.56 -15.17
N GLN A 266 -12.85 6.20 -16.12
CA GLN A 266 -14.26 6.45 -15.94
C GLN A 266 -15.03 5.13 -16.05
N GLU A 267 -14.77 4.37 -17.11
CA GLU A 267 -15.51 3.14 -17.30
C GLU A 267 -15.28 2.09 -16.19
N THR A 268 -14.03 1.92 -15.74
CA THR A 268 -13.73 1.04 -14.59
C THR A 268 -14.48 1.49 -13.30
N ALA A 269 -14.67 2.78 -13.11
CA ALA A 269 -15.43 3.37 -11.99
C ALA A 269 -16.92 3.09 -12.14
N GLU A 270 -17.42 3.22 -13.37
CA GLU A 270 -18.82 2.92 -13.65
C GLU A 270 -19.23 1.49 -13.47
N VAL A 271 -18.39 0.55 -13.82
CA VAL A 271 -18.88 -0.83 -13.83
C VAL A 271 -18.94 -1.47 -12.41
N VAL A 272 -18.30 -0.82 -11.44
CA VAL A 272 -18.39 -1.31 -10.06
C VAL A 272 -19.53 -0.66 -9.25
N ILE A 273 -20.22 0.31 -9.85
CA ILE A 273 -21.41 0.94 -9.20
C ILE A 273 -22.43 -0.12 -8.77
N PRO A 274 -22.68 -1.14 -9.60
CA PRO A 274 -23.73 -2.09 -9.10
C PRO A 274 -23.22 -2.99 -7.98
N LEU A 275 -21.97 -2.80 -7.56
CA LEU A 275 -21.41 -3.62 -6.45
C LEU A 275 -21.42 -2.80 -5.14
N MET A 276 -22.06 -1.63 -5.17
CA MET A 276 -22.10 -0.76 -3.95
C MET A 276 -23.39 -1.06 -3.23
N ALA A 277 -23.50 -0.72 -1.94
CA ALA A 277 -24.69 -1.05 -1.17
C ALA A 277 -25.81 -0.15 -1.66
N ASN A 278 -25.38 0.98 -2.21
CA ASN A 278 -25.98 2.26 -1.89
C ASN A 278 -25.88 2.80 -0.46
N ASN B 6 -25.49 18.84 -17.14
CA ASN B 6 -26.93 18.79 -17.55
C ASN B 6 -27.90 17.98 -16.62
N LEU B 7 -27.39 16.98 -15.87
CA LEU B 7 -28.20 16.29 -14.81
C LEU B 7 -28.73 17.29 -13.70
N LEU B 8 -27.94 18.34 -13.45
CA LEU B 8 -28.38 19.47 -12.61
C LEU B 8 -29.56 20.18 -13.26
N VAL B 9 -29.40 20.49 -14.56
CA VAL B 9 -30.42 21.16 -15.37
C VAL B 9 -31.68 20.33 -15.30
N ARG B 10 -31.53 19.01 -15.44
CA ARG B 10 -32.66 18.10 -15.30
C ARG B 10 -33.21 18.13 -13.85
N LEU B 11 -32.35 18.11 -12.83
CA LEU B 11 -32.84 18.21 -11.45
C LEU B 11 -33.73 19.46 -11.18
N ARG B 12 -33.32 20.62 -11.66
CA ARG B 12 -34.03 21.90 -11.43
C ARG B 12 -35.36 21.81 -12.12
N SER B 13 -35.27 21.43 -13.40
CA SER B 13 -36.39 21.26 -14.30
C SER B 13 -37.40 20.24 -13.75
N ASN B 14 -36.91 19.10 -13.24
CA ASN B 14 -37.80 18.01 -12.78
C ASN B 14 -38.18 18.10 -11.31
N MET B 15 -37.83 19.23 -10.73
CA MET B 15 -38.00 19.51 -9.31
C MET B 15 -39.42 19.96 -9.04
N GLU B 16 -40.07 20.42 -10.12
CA GLU B 16 -41.48 20.80 -10.12
C GLU B 16 -42.42 19.94 -9.19
N PRO B 17 -42.55 18.59 -9.43
CA PRO B 17 -43.48 17.75 -8.60
C PRO B 17 -43.07 17.23 -7.19
N PHE B 18 -41.84 17.48 -6.68
CA PHE B 18 -41.35 16.96 -5.35
C PHE B 18 -42.03 17.50 -4.06
N SER B 19 -42.25 16.60 -3.09
CA SER B 19 -42.70 16.86 -1.70
C SER B 19 -41.62 17.65 -0.95
N LYS B 20 -41.98 18.20 0.21
CA LYS B 20 -41.04 19.04 0.99
C LYS B 20 -39.71 18.35 1.32
N LYS B 21 -39.75 17.11 1.82
CA LYS B 21 -38.52 16.39 2.18
C LYS B 21 -37.64 16.12 0.97
N LEU B 22 -38.23 15.68 -0.15
CA LEU B 22 -37.48 15.46 -1.39
C LEU B 22 -36.87 16.76 -1.90
N ARG B 23 -37.62 17.84 -1.81
CA ARG B 23 -37.14 19.12 -2.32
C ARG B 23 -36.00 19.65 -1.42
N VAL B 24 -36.02 19.33 -0.12
CA VAL B 24 -34.88 19.67 0.74
C VAL B 24 -33.59 19.01 0.19
N VAL B 25 -33.67 17.72 -0.11
CA VAL B 25 -32.48 16.99 -0.64
C VAL B 25 -32.09 17.44 -2.04
N ALA B 26 -33.09 17.59 -2.92
CA ALA B 26 -32.89 18.15 -4.26
C ALA B 26 -32.19 19.51 -4.18
N ASP B 27 -32.74 20.46 -3.42
CA ASP B 27 -32.08 21.74 -3.14
C ASP B 27 -30.68 21.63 -2.55
N TYR B 28 -30.51 20.71 -1.61
CA TYR B 28 -29.16 20.49 -1.04
C TYR B 28 -28.11 20.07 -2.10
N ILE B 29 -28.50 19.14 -2.97
CA ILE B 29 -27.60 18.63 -3.99
C ILE B 29 -27.28 19.76 -4.97
N LEU B 30 -28.28 20.57 -5.38
CA LEU B 30 -28.04 21.69 -6.30
C LEU B 30 -26.99 22.68 -5.76
N GLU B 31 -27.09 23.03 -4.48
CA GLU B 31 -26.23 24.04 -3.88
C GLU B 31 -24.93 23.45 -3.44
N ASN B 32 -24.87 22.13 -3.25
CA ASN B 32 -23.61 21.51 -2.85
C ASN B 32 -23.09 20.42 -3.80
N ALA B 33 -23.40 20.50 -5.12
CA ALA B 33 -23.10 19.47 -6.12
C ALA B 33 -21.66 18.91 -6.02
N HIS B 34 -20.69 19.83 -5.89
CA HIS B 34 -19.28 19.42 -5.95
C HIS B 34 -18.95 18.62 -4.73
N ASP B 35 -19.42 19.04 -3.57
CA ASP B 35 -19.13 18.25 -2.35
C ASP B 35 -19.92 16.92 -2.24
N VAL B 36 -21.10 16.85 -2.85
CA VAL B 36 -21.94 15.66 -2.69
C VAL B 36 -21.27 14.47 -3.40
N GLN B 37 -20.38 14.75 -4.39
CA GLN B 37 -19.60 13.68 -5.11
C GLN B 37 -18.88 12.80 -4.10
N PHE B 38 -18.45 13.44 -3.00
CA PHE B 38 -17.63 12.77 -2.00
C PHE B 38 -18.40 12.30 -0.77
N GLN B 39 -19.72 12.46 -0.79
CA GLN B 39 -20.57 12.03 0.34
C GLN B 39 -21.17 10.68 0.11
N THR B 40 -21.35 10.01 1.22
CA THR B 40 -22.01 8.71 1.20
C THR B 40 -23.51 8.96 1.32
N ILE B 41 -24.31 7.91 1.14
CA ILE B 41 -25.78 8.07 1.32
C ILE B 41 -26.05 8.50 2.76
N THR B 42 -25.28 7.98 3.71
CA THR B 42 -25.44 8.31 5.14
C THR B 42 -25.15 9.79 5.32
N ASP B 43 -24.11 10.31 4.67
CA ASP B 43 -23.86 11.78 4.77
C ASP B 43 -24.98 12.66 4.27
N LEU B 44 -25.53 12.28 3.11
CA LEU B 44 -26.49 13.12 2.47
C LEU B 44 -27.74 13.11 3.33
N ALA B 45 -28.15 11.93 3.82
CA ALA B 45 -29.32 11.88 4.74
C ALA B 45 -29.09 12.72 6.02
N ARG B 46 -27.92 12.56 6.64
CA ARG B 46 -27.57 13.40 7.80
C ARG B 46 -27.56 14.89 7.50
N ASN B 47 -26.94 15.26 6.38
CA ASN B 47 -26.79 16.67 6.07
C ASN B 47 -28.11 17.29 5.67
N THR B 48 -29.07 16.49 5.23
CA THR B 48 -30.35 17.06 4.82
C THR B 48 -31.40 16.93 5.91
N GLN B 49 -31.02 16.26 7.00
CA GLN B 49 -31.92 15.87 8.08
C GLN B 49 -33.14 15.17 7.51
N THR B 50 -32.94 14.23 6.59
CA THR B 50 -34.03 13.42 6.05
C THR B 50 -33.63 12.01 6.44
N SER B 51 -33.88 11.01 5.62
CA SER B 51 -33.41 9.64 5.90
C SER B 51 -32.76 9.06 4.62
N GLU B 52 -32.02 7.95 4.75
CA GLU B 52 -31.47 7.21 3.57
C GLU B 52 -32.58 6.78 2.60
N ALA B 53 -33.72 6.38 3.15
CA ALA B 53 -34.89 6.00 2.34
C ALA B 53 -35.35 7.14 1.44
N THR B 54 -35.29 8.38 1.94
CA THR B 54 -35.69 9.57 1.17
C THR B 54 -34.72 9.90 0.01
N VAL B 55 -33.43 9.73 0.29
CA VAL B 55 -32.38 9.97 -0.70
C VAL B 55 -32.55 8.96 -1.80
N VAL B 56 -32.86 7.72 -1.44
CA VAL B 56 -32.93 6.67 -2.45
C VAL B 56 -34.14 7.01 -3.31
N ARG B 57 -35.29 7.23 -2.63
CA ARG B 57 -36.53 7.59 -3.35
C ARG B 57 -36.34 8.74 -4.36
N LEU B 58 -35.62 9.80 -3.97
CA LEU B 58 -35.27 10.86 -4.93
C LEU B 58 -34.37 10.45 -6.18
N CYS B 59 -33.31 9.69 -5.91
CA CYS B 59 -32.47 9.14 -6.96
C CYS B 59 -33.26 8.33 -7.97
N ARG B 60 -34.13 7.47 -7.47
CA ARG B 60 -35.08 6.73 -8.30
C ARG B 60 -36.03 7.66 -9.14
N ASP B 61 -36.58 8.69 -8.50
CA ASP B 61 -37.38 9.66 -9.23
C ASP B 61 -36.61 10.39 -10.33
N MET B 62 -35.30 10.64 -10.17
CA MET B 62 -34.49 11.23 -11.24
C MET B 62 -34.10 10.24 -12.37
N GLY B 63 -34.52 8.99 -12.30
CA GLY B 63 -34.14 8.00 -13.31
C GLY B 63 -33.06 6.98 -12.95
N TYR B 64 -32.52 7.04 -11.72
CA TYR B 64 -31.34 6.24 -11.31
C TYR B 64 -31.73 5.03 -10.52
N LYS B 65 -30.81 4.10 -10.34
CA LYS B 65 -31.14 2.88 -9.62
C LYS B 65 -31.10 3.09 -8.12
N GLY B 66 -30.40 4.13 -7.68
CA GLY B 66 -30.14 4.29 -6.25
C GLY B 66 -29.12 5.40 -6.13
N TYR B 67 -28.61 5.57 -4.91
CA TYR B 67 -27.72 6.68 -4.62
C TYR B 67 -26.34 6.61 -5.33
N SER B 68 -25.65 5.46 -5.26
CA SER B 68 -24.39 5.23 -5.94
C SER B 68 -24.44 5.56 -7.44
N ASP B 69 -25.50 5.12 -8.10
CA ASP B 69 -25.70 5.35 -9.53
C ASP B 69 -25.84 6.86 -9.82
N PHE B 70 -26.80 7.50 -9.11
CA PHE B 70 -26.94 8.97 -9.17
C PHE B 70 -25.59 9.70 -8.93
N ARG B 71 -24.86 9.35 -7.87
CA ARG B 71 -23.59 10.02 -7.53
C ARG B 71 -22.55 9.86 -8.64
N MET B 72 -22.52 8.68 -9.23
CA MET B 72 -21.64 8.39 -10.39
C MET B 72 -22.00 9.35 -11.55
N ALA B 73 -23.30 9.50 -11.84
CA ALA B 73 -23.69 10.43 -12.90
C ALA B 73 -23.34 11.88 -12.55
N LEU B 74 -23.47 12.22 -11.27
CA LEU B 74 -23.21 13.55 -10.82
C LEU B 74 -21.72 13.81 -11.05
N ALA B 75 -20.85 12.86 -10.70
CA ALA B 75 -19.41 13.05 -10.92
C ALA B 75 -19.03 13.21 -12.39
N VAL B 76 -19.62 12.41 -13.28
CA VAL B 76 -19.26 12.45 -14.71
C VAL B 76 -19.73 13.81 -15.20
N ASP B 77 -20.95 14.17 -14.82
CA ASP B 77 -21.50 15.49 -15.16
C ASP B 77 -20.59 16.67 -14.75
N LEU B 78 -20.17 16.76 -13.48
CA LEU B 78 -19.25 17.82 -13.07
C LEU B 78 -17.83 17.77 -13.70
N SER B 79 -17.34 16.60 -14.09
CA SER B 79 -16.01 16.56 -14.70
C SER B 79 -16.08 17.05 -16.13
N GLN B 80 -17.28 17.14 -16.71
CA GLN B 80 -17.47 17.71 -18.07
C GLN B 80 -17.69 19.23 -18.15
N ASP B 92 4.27 20.65 -11.63
CA ASP B 92 4.95 19.45 -12.12
C ASP B 92 4.43 18.10 -11.53
N ILE B 93 4.19 17.09 -12.38
CA ILE B 93 3.62 15.81 -11.94
C ILE B 93 4.23 15.16 -10.72
N CYS B 94 5.55 14.94 -10.67
CA CYS B 94 6.12 14.27 -9.49
C CYS B 94 5.85 15.05 -8.25
N ASP B 95 5.99 16.38 -8.35
CA ASP B 95 5.90 17.21 -7.17
C ASP B 95 4.47 17.37 -6.70
N VAL B 96 3.54 17.50 -7.63
CA VAL B 96 2.09 17.63 -7.30
C VAL B 96 1.59 16.31 -6.68
N SER B 97 2.04 15.22 -7.25
CA SER B 97 1.63 13.87 -6.69
C SER B 97 2.14 13.75 -5.27
N ALA B 98 3.40 14.18 -5.07
CA ALA B 98 4.01 14.06 -3.75
C ALA B 98 3.38 15.00 -2.76
N GLN B 99 3.06 16.23 -3.18
CA GLN B 99 2.53 17.25 -2.26
C GLN B 99 1.11 16.86 -1.81
N SER B 100 0.33 16.36 -2.75
CA SER B 100 -0.96 15.89 -2.45
C SER B 100 -0.90 14.75 -1.38
N ALA B 101 0.12 13.89 -1.42
CA ALA B 101 0.22 12.79 -0.42
C ALA B 101 0.77 13.33 0.94
N VAL B 102 1.68 14.29 0.89
CA VAL B 102 2.13 14.92 2.10
C VAL B 102 0.94 15.60 2.80
N ASP B 103 0.10 16.30 2.03
CA ASP B 103 -1.07 16.98 2.62
C ASP B 103 -2.03 16.03 3.33
N SER B 104 -2.30 14.92 2.67
CA SER B 104 -3.19 13.91 3.25
C SER B 104 -2.58 13.27 4.47
N LEU B 105 -1.27 12.97 4.46
CA LEU B 105 -0.64 12.51 5.70
C LEU B 105 -0.80 13.52 6.84
N GLN B 106 -0.53 14.77 6.54
CA GLN B 106 -0.69 15.77 7.58
C GLN B 106 -2.10 15.88 8.08
N ASP B 107 -3.03 15.98 7.14
CA ASP B 107 -4.45 16.08 7.53
C ASP B 107 -4.88 14.88 8.32
N THR B 108 -4.43 13.68 7.92
CA THR B 108 -4.81 12.48 8.63
C THR B 108 -4.25 12.45 10.08
N ALA B 109 -2.96 12.81 10.23
CA ALA B 109 -2.35 12.91 11.56
C ALA B 109 -3.13 13.87 12.49
N LYS B 110 -3.64 14.99 11.97
CA LYS B 110 -4.54 15.86 12.76
C LYS B 110 -5.86 15.20 13.13
N LEU B 111 -6.45 14.45 12.22
CA LEU B 111 -7.78 13.86 12.42
C LEU B 111 -7.80 12.71 13.42
N ILE B 112 -6.69 12.02 13.55
CA ILE B 112 -6.66 10.79 14.35
C ILE B 112 -7.17 11.00 15.77
N ASP B 113 -8.14 10.16 16.19
CA ASP B 113 -8.68 10.27 17.55
C ASP B 113 -7.88 9.33 18.41
N ARG B 114 -7.13 9.89 19.34
CA ARG B 114 -6.17 9.16 20.14
C ARG B 114 -6.85 8.21 21.09
N LYS B 115 -8.06 8.52 21.55
CA LYS B 115 -8.69 7.61 22.51
C LYS B 115 -9.25 6.37 21.84
N SER B 116 -9.95 6.53 20.73
CA SER B 116 -10.34 5.39 19.94
C SER B 116 -9.10 4.64 19.40
N LEU B 117 -8.03 5.35 18.99
CA LEU B 117 -6.79 4.62 18.68
C LEU B 117 -6.28 3.76 19.85
N ALA B 118 -6.16 4.33 21.04
CA ALA B 118 -5.76 3.52 22.23
C ALA B 118 -6.65 2.33 22.48
N ARG B 119 -7.99 2.42 22.32
CA ARG B 119 -8.84 1.24 22.50
C ARG B 119 -8.56 0.22 21.46
N ILE B 120 -8.25 0.73 20.25
CA ILE B 120 -8.04 -0.20 19.13
C ILE B 120 -6.72 -0.98 19.37
N VAL B 121 -5.72 -0.27 19.89
CA VAL B 121 -4.43 -0.92 20.26
C VAL B 121 -4.70 -2.06 21.24
N GLU B 122 -5.52 -1.84 22.27
CA GLU B 122 -5.81 -2.89 23.26
C GLU B 122 -6.60 -4.01 22.66
N ARG B 123 -7.53 -3.69 21.76
CA ARG B 123 -8.23 -4.78 21.09
C ARG B 123 -7.31 -5.68 20.29
N VAL B 124 -6.43 -5.07 19.50
CA VAL B 124 -5.46 -5.92 18.77
C VAL B 124 -4.57 -6.70 19.73
N HIS B 125 -4.09 -6.04 20.77
CA HIS B 125 -3.22 -6.74 21.75
C HIS B 125 -3.93 -7.96 22.29
N GLN B 126 -5.24 -7.84 22.58
CA GLN B 126 -5.98 -8.99 23.18
C GLN B 126 -6.37 -10.02 22.15
N ALA B 127 -6.59 -9.61 20.88
CA ALA B 127 -7.04 -10.56 19.82
C ALA B 127 -6.13 -11.80 19.66
N GLU B 128 -6.78 -12.95 19.55
CA GLU B 128 -6.07 -14.12 19.11
C GLU B 128 -6.00 -14.31 17.60
N PHE B 129 -7.02 -13.79 16.88
CA PHE B 129 -7.12 -14.01 15.44
C PHE B 129 -7.68 -12.70 14.85
N ILE B 130 -7.05 -12.14 13.84
CA ILE B 130 -7.52 -10.92 13.21
C ILE B 130 -7.86 -11.23 11.74
N GLY B 131 -9.06 -10.90 11.35
CA GLY B 131 -9.49 -11.03 9.95
C GLY B 131 -9.59 -9.65 9.37
N CYS B 132 -9.14 -9.51 8.12
CA CYS B 132 -9.28 -8.23 7.47
C CYS B 132 -10.01 -8.43 6.13
N ILE B 133 -10.75 -7.41 5.72
CA ILE B 133 -11.63 -7.53 4.55
C ILE B 133 -11.46 -6.24 3.77
N GLY B 134 -11.39 -6.28 2.42
CA GLY B 134 -11.27 -5.07 1.67
C GLY B 134 -11.11 -5.48 0.21
N VAL B 135 -11.64 -4.66 -0.72
CA VAL B 135 -11.59 -5.00 -2.19
C VAL B 135 -11.04 -3.91 -3.02
N GLY B 136 -10.67 -4.21 -4.28
CA GLY B 136 -10.16 -3.06 -5.08
C GLY B 136 -8.96 -2.40 -4.46
N ALA B 137 -8.86 -1.09 -4.46
CA ALA B 137 -7.70 -0.49 -3.86
C ALA B 137 -7.60 -0.66 -2.32
N SER B 138 -8.72 -0.84 -1.62
CA SER B 138 -8.61 -1.19 -0.21
C SER B 138 -7.91 -2.55 0.07
N SER B 139 -7.86 -3.44 -0.91
CA SER B 139 -7.11 -4.71 -0.75
C SER B 139 -5.61 -4.42 -0.44
N ILE B 140 -5.08 -3.34 -1.00
CA ILE B 140 -3.64 -2.90 -0.74
C ILE B 140 -3.45 -2.53 0.74
N VAL B 141 -4.39 -1.73 1.27
CA VAL B 141 -4.39 -1.35 2.65
C VAL B 141 -4.57 -2.52 3.61
N GLY B 142 -5.53 -3.41 3.32
CA GLY B 142 -5.78 -4.57 4.21
C GLY B 142 -4.57 -5.55 4.17
N ARG B 143 -3.96 -5.73 3.00
CA ARG B 143 -2.73 -6.49 2.89
C ARG B 143 -1.58 -5.88 3.69
N TYR B 144 -1.49 -4.56 3.71
CA TYR B 144 -0.37 -4.02 4.43
C TYR B 144 -0.64 -4.29 5.92
N LEU B 145 -1.93 -4.22 6.34
CA LEU B 145 -2.23 -4.42 7.78
C LEU B 145 -1.91 -5.82 8.21
N ALA B 146 -2.34 -6.78 7.42
CA ALA B 146 -2.07 -8.18 7.76
C ALA B 146 -0.56 -8.51 7.79
N TYR B 147 0.18 -7.99 6.82
CA TYR B 147 1.68 -8.08 6.83
C TYR B 147 2.23 -7.50 8.15
N ARG B 148 1.84 -6.28 8.49
CA ARG B 148 2.40 -5.64 9.70
C ARG B 148 2.01 -6.38 10.96
N LEU B 149 0.78 -6.88 11.03
CA LEU B 149 0.41 -7.75 12.11
C LEU B 149 1.21 -9.03 12.15
N ILE B 150 1.46 -9.66 11.00
CA ILE B 150 2.28 -10.83 10.98
C ILE B 150 3.68 -10.54 11.44
N ARG B 151 4.20 -9.28 11.22
CA ARG B 151 5.58 -8.93 11.62
C ARG B 151 5.66 -8.96 13.14
N ILE B 152 4.57 -8.58 13.83
CA ILE B 152 4.58 -8.62 15.34
C ILE B 152 4.02 -9.93 15.89
N GLY B 153 3.84 -10.94 15.04
CA GLY B 153 3.51 -12.28 15.54
C GLY B 153 2.03 -12.53 15.76
N LYS B 154 1.15 -11.68 15.27
CA LYS B 154 -0.28 -11.95 15.33
C LYS B 154 -0.75 -12.84 14.16
N LYS B 155 -1.78 -13.68 14.37
CA LYS B 155 -2.43 -14.32 13.24
C LYS B 155 -3.30 -13.32 12.57
N ALA B 156 -3.04 -13.06 11.31
CA ALA B 156 -3.95 -12.15 10.60
C ALA B 156 -4.17 -12.65 9.23
N ILE B 157 -5.40 -12.55 8.78
CA ILE B 157 -5.65 -12.91 7.37
C ILE B 157 -6.38 -11.83 6.68
N MET B 158 -5.94 -11.52 5.46
CA MET B 158 -6.64 -10.60 4.62
C MET B 158 -7.47 -11.40 3.60
N PHE B 159 -8.76 -11.09 3.48
CA PHE B 159 -9.64 -11.69 2.45
C PHE B 159 -10.00 -10.63 1.36
N GLU B 160 -9.71 -10.83 0.08
CA GLU B 160 -10.58 -10.11 -0.94
C GLU B 160 -11.71 -10.97 -1.51
N ASP B 161 -11.65 -12.29 -1.21
CA ASP B 161 -12.82 -13.15 -1.56
C ASP B 161 -13.84 -12.87 -0.43
N THR B 162 -14.81 -12.04 -0.72
CA THR B 162 -15.83 -11.63 0.25
C THR B 162 -16.82 -12.74 0.57
N HIS B 163 -16.84 -13.81 -0.25
CA HIS B 163 -17.65 -14.97 0.14
C HIS B 163 -16.95 -15.67 1.31
N LEU B 164 -15.66 -15.97 1.11
CA LEU B 164 -14.89 -16.63 2.22
C LEU B 164 -14.87 -15.75 3.49
N ALA B 165 -14.73 -14.44 3.32
CA ALA B 165 -14.73 -13.55 4.50
C ALA B 165 -16.09 -13.58 5.20
N ALA B 166 -17.19 -13.60 4.42
CA ALA B 166 -18.51 -13.69 5.08
C ALA B 166 -18.60 -15.01 5.83
N MET B 167 -18.17 -16.11 5.19
CA MET B 167 -18.28 -17.42 5.90
C MET B 167 -17.43 -17.45 7.23
N SER B 168 -16.19 -16.91 7.18
CA SER B 168 -15.38 -16.80 8.42
C SER B 168 -16.01 -15.91 9.43
N ALA B 169 -16.49 -14.72 8.99
CA ALA B 169 -17.11 -13.76 9.90
C ALA B 169 -18.31 -14.39 10.57
N SER B 170 -19.01 -15.28 9.85
CA SER B 170 -20.24 -15.83 10.39
C SER B 170 -20.01 -16.87 11.49
N ARG B 171 -18.79 -17.44 11.61
CA ARG B 171 -18.47 -18.43 12.69
C ARG B 171 -17.49 -17.81 13.69
N SER B 172 -17.38 -16.50 13.64
CA SER B 172 -16.39 -15.85 14.45
C SER B 172 -16.81 -15.92 15.96
N SER B 173 -15.81 -15.92 16.84
CA SER B 173 -16.04 -16.21 18.27
C SER B 173 -15.08 -15.39 19.14
N GLN B 174 -15.36 -15.34 20.45
CA GLN B 174 -14.55 -14.55 21.37
C GLN B 174 -13.05 -14.84 21.13
N GLY B 175 -12.27 -13.77 21.04
CA GLY B 175 -10.88 -13.87 20.70
C GLY B 175 -10.59 -13.31 19.30
N ASP B 176 -11.62 -13.23 18.45
CA ASP B 176 -11.44 -12.74 17.06
C ASP B 176 -11.63 -11.25 17.05
N LEU B 177 -10.99 -10.58 16.10
CA LEU B 177 -11.23 -9.18 15.84
C LEU B 177 -11.20 -8.96 14.31
N TRP B 178 -12.02 -8.03 13.81
CA TRP B 178 -12.10 -7.79 12.32
C TRP B 178 -11.77 -6.40 12.00
N PHE B 179 -11.03 -6.20 10.88
CA PHE B 179 -10.91 -4.86 10.32
C PHE B 179 -11.65 -4.83 8.98
N ALA B 180 -12.52 -3.81 8.83
CA ALA B 180 -13.16 -3.59 7.54
C ALA B 180 -12.49 -2.40 6.89
N VAL B 181 -11.78 -2.64 5.78
CA VAL B 181 -10.98 -1.60 5.22
C VAL B 181 -11.79 -1.16 3.97
N SER B 182 -12.27 0.08 4.00
CA SER B 182 -13.20 0.56 2.89
C SER B 182 -13.17 2.06 3.00
N SER B 183 -12.78 2.76 1.95
CA SER B 183 -12.70 4.23 2.00
C SER B 183 -14.12 4.76 2.12
N SER B 184 -15.04 4.08 1.44
CA SER B 184 -16.44 4.64 1.27
C SER B 184 -17.37 4.11 2.36
N GLY B 185 -16.96 3.00 2.98
CA GLY B 185 -17.85 2.22 3.85
C GLY B 185 -19.17 1.88 3.17
N SER B 186 -19.15 1.70 1.81
CA SER B 186 -20.38 1.57 1.04
C SER B 186 -20.29 0.39 0.08
N THR B 187 -19.23 -0.43 0.20
CA THR B 187 -19.04 -1.57 -0.70
C THR B 187 -19.83 -2.75 -0.23
N LYS B 188 -20.74 -3.23 -1.06
CA LYS B 188 -21.81 -4.14 -0.55
C LYS B 188 -21.27 -5.45 0.13
N GLU B 189 -20.43 -6.25 -0.57
CA GLU B 189 -19.95 -7.44 0.05
C GLU B 189 -18.97 -7.21 1.20
N VAL B 190 -18.30 -6.07 1.25
CA VAL B 190 -17.41 -5.83 2.40
C VAL B 190 -18.29 -5.57 3.64
N ILE B 191 -19.31 -4.74 3.51
CA ILE B 191 -20.17 -4.38 4.61
C ILE B 191 -20.89 -5.62 5.11
N HIS B 192 -21.28 -6.48 4.16
CA HIS B 192 -22.08 -7.63 4.49
C HIS B 192 -21.21 -8.47 5.45
N ALA B 193 -19.96 -8.73 5.06
CA ALA B 193 -19.07 -9.62 5.87
C ALA B 193 -18.76 -9.01 7.23
N ALA B 194 -18.45 -7.73 7.22
CA ALA B 194 -18.22 -7.06 8.47
C ALA B 194 -19.42 -7.06 9.41
N GLY B 195 -20.60 -6.84 8.83
CA GLY B 195 -21.83 -6.85 9.61
C GLY B 195 -22.10 -8.22 10.27
N LEU B 196 -21.71 -9.29 9.63
CA LEU B 196 -21.90 -10.61 10.27
C LEU B 196 -21.11 -10.78 11.59
N ALA B 197 -19.88 -10.28 11.60
CA ALA B 197 -19.05 -10.24 12.84
C ALA B 197 -19.65 -9.29 13.89
N TYR B 198 -19.96 -8.09 13.47
CA TYR B 198 -20.63 -7.12 14.33
C TYR B 198 -21.86 -7.70 15.03
N LYS B 199 -22.71 -8.42 14.30
CA LYS B 199 -23.98 -8.89 14.86
C LYS B 199 -23.73 -10.02 15.84
N ARG B 200 -22.53 -10.59 15.78
CA ARG B 200 -22.15 -11.63 16.73
C ARG B 200 -21.36 -11.15 17.90
N ASP B 201 -21.28 -9.84 18.13
CA ASP B 201 -20.60 -9.26 19.28
C ASP B 201 -19.08 -9.45 19.16
N ILE B 202 -18.57 -9.44 17.92
CA ILE B 202 -17.12 -9.53 17.66
C ILE B 202 -16.71 -8.08 17.36
N PRO B 203 -15.62 -7.63 17.94
CA PRO B 203 -15.25 -6.26 17.62
C PRO B 203 -14.91 -6.09 16.11
N VAL B 204 -15.37 -4.99 15.48
CA VAL B 204 -15.11 -4.71 14.10
C VAL B 204 -14.58 -3.31 14.10
N VAL B 205 -13.39 -3.17 13.57
CA VAL B 205 -12.74 -1.88 13.47
C VAL B 205 -12.78 -1.49 11.97
N SER B 206 -13.32 -0.33 11.67
CA SER B 206 -13.34 0.12 10.28
C SER B 206 -12.21 1.08 9.99
N LEU B 207 -11.55 0.93 8.84
CA LEU B 207 -10.54 1.96 8.41
C LEU B 207 -11.04 2.61 7.15
N THR B 208 -11.42 3.91 7.18
CA THR B 208 -12.24 4.55 6.13
C THR B 208 -11.63 5.89 5.86
N ASN B 209 -12.20 6.57 4.88
CA ASN B 209 -11.85 7.96 4.68
C ASN B 209 -13.09 8.81 4.80
N ILE B 210 -14.07 8.33 5.54
CA ILE B 210 -15.29 9.14 5.68
C ILE B 210 -15.88 8.82 7.07
N ASN B 211 -16.46 9.79 7.78
CA ASN B 211 -16.97 9.49 9.14
C ASN B 211 -18.26 8.70 9.17
N HIS B 212 -19.19 8.98 8.21
CA HIS B 212 -20.50 8.33 8.21
C HIS B 212 -20.75 7.65 6.94
N SER B 213 -21.14 6.40 7.05
CA SER B 213 -21.35 5.53 5.88
C SER B 213 -22.14 4.34 6.46
N PRO B 214 -22.68 3.44 5.62
CA PRO B 214 -23.32 2.24 6.08
C PRO B 214 -22.47 1.39 6.98
N LEU B 215 -21.17 1.34 6.69
CA LEU B 215 -20.28 0.53 7.52
C LEU B 215 -20.14 1.08 8.95
N SER B 216 -20.29 2.38 9.12
CA SER B 216 -20.15 2.85 10.49
C SER B 216 -21.19 2.31 11.49
N SER B 217 -22.38 1.94 11.04
CA SER B 217 -23.39 1.35 11.91
C SER B 217 -23.03 -0.07 12.24
N LEU B 218 -21.98 -0.58 11.63
CA LEU B 218 -21.61 -2.02 11.77
C LEU B 218 -20.16 -2.13 12.28
N SER B 219 -19.69 -1.07 12.91
CA SER B 219 -18.33 -1.03 13.41
C SER B 219 -18.43 -0.77 14.89
N THR B 220 -17.55 -1.41 15.59
CA THR B 220 -17.46 -1.12 17.00
C THR B 220 -16.45 0.04 17.25
N GLU B 221 -15.45 0.18 16.36
CA GLU B 221 -14.44 1.26 16.41
C GLU B 221 -14.17 1.74 15.01
N MET B 222 -13.65 2.96 14.84
CA MET B 222 -13.40 3.49 13.46
C MET B 222 -12.13 4.28 13.49
N LEU B 223 -11.29 4.11 12.46
CA LEU B 223 -10.26 5.09 12.22
C LEU B 223 -10.53 5.66 10.88
N VAL B 224 -10.39 6.97 10.82
CA VAL B 224 -10.75 7.74 9.65
C VAL B 224 -9.56 8.48 9.11
N ALA B 225 -9.16 8.15 7.88
CA ALA B 225 -8.20 8.94 7.13
C ALA B 225 -8.77 10.17 6.37
N ALA B 226 -7.89 11.09 6.00
CA ALA B 226 -8.31 12.28 5.23
C ALA B 226 -8.59 11.88 3.78
N ARG B 227 -9.25 12.79 3.03
CA ARG B 227 -9.56 12.64 1.55
C ARG B 227 -10.53 11.52 1.22
N PRO B 228 -11.83 11.74 1.46
CA PRO B 228 -12.83 10.81 1.10
C PRO B 228 -12.74 10.55 -0.45
N GLU B 229 -13.04 9.33 -0.91
CA GLU B 229 -13.08 9.03 -2.37
C GLU B 229 -14.43 9.49 -3.01
N GLY B 230 -14.38 9.92 -4.28
CA GLY B 230 -15.60 10.09 -5.08
C GLY B 230 -15.66 9.01 -6.17
N PRO B 231 -16.70 9.05 -7.00
CA PRO B 231 -16.87 8.05 -8.02
C PRO B 231 -15.70 7.94 -9.00
N LEU B 232 -15.00 9.04 -9.25
CA LEU B 232 -13.89 9.04 -10.22
C LEU B 232 -12.50 9.02 -9.54
N THR B 233 -12.45 8.96 -8.21
CA THR B 233 -11.18 9.06 -7.53
C THR B 233 -10.96 7.89 -6.57
N GLY B 234 -11.56 6.74 -6.84
CA GLY B 234 -11.28 5.60 -5.98
C GLY B 234 -9.83 5.22 -6.16
N GLY B 235 -9.17 4.76 -5.09
CA GLY B 235 -7.76 4.32 -5.21
C GLY B 235 -6.76 5.42 -5.27
N ALA B 236 -7.19 6.69 -5.16
CA ALA B 236 -6.28 7.84 -5.32
C ALA B 236 -5.20 7.66 -4.29
N PHE B 237 -3.95 8.00 -4.62
CA PHE B 237 -2.86 7.73 -3.72
C PHE B 237 -3.04 8.62 -2.44
N ALA B 238 -3.53 9.85 -2.61
CA ALA B 238 -3.83 10.76 -1.49
C ALA B 238 -4.84 10.15 -0.47
N SER B 239 -5.81 9.37 -0.96
CA SER B 239 -6.77 8.68 -0.08
C SER B 239 -6.09 7.44 0.52
N LYS B 240 -5.29 6.74 -0.26
CA LYS B 240 -4.77 5.44 0.27
C LYS B 240 -3.65 5.68 1.27
N VAL B 241 -2.90 6.77 1.07
CA VAL B 241 -1.74 7.07 1.93
C VAL B 241 -2.17 7.37 3.37
N GLY B 242 -3.30 8.06 3.51
CA GLY B 242 -3.81 8.25 4.87
C GLY B 242 -4.25 6.96 5.51
N ALA B 243 -4.88 6.06 4.73
CA ALA B 243 -5.31 4.78 5.28
C ALA B 243 -4.11 3.96 5.69
N LEU B 244 -3.08 3.93 4.86
CA LEU B 244 -1.84 3.28 5.27
C LEU B 244 -1.24 3.93 6.49
N LEU B 245 -1.27 5.26 6.58
CA LEU B 245 -0.81 5.87 7.83
C LEU B 245 -1.59 5.36 9.08
N LEU B 246 -2.93 5.21 9.01
CA LEU B 246 -3.68 4.59 10.13
C LEU B 246 -3.09 3.23 10.56
N VAL B 247 -2.71 2.39 9.58
CA VAL B 247 -2.14 1.09 9.85
C VAL B 247 -0.79 1.22 10.55
N ASP B 248 0.10 2.07 10.00
CA ASP B 248 1.35 2.35 10.56
C ASP B 248 1.26 2.81 12.02
N VAL B 249 0.41 3.82 12.29
CA VAL B 249 0.29 4.32 13.67
C VAL B 249 -0.21 3.24 14.64
N LEU B 250 -1.11 2.41 14.13
CA LEU B 250 -1.73 1.45 15.00
C LEU B 250 -0.63 0.52 15.41
N VAL B 251 0.14 0.02 14.45
CA VAL B 251 1.08 -1.07 14.81
C VAL B 251 2.29 -0.45 15.59
N ASN B 252 2.75 0.75 15.21
CA ASN B 252 3.76 1.43 16.02
C ASN B 252 3.27 1.74 17.43
N SER B 253 1.99 2.08 17.59
CA SER B 253 1.48 2.23 19.02
C SER B 253 1.44 0.91 19.76
N LEU B 254 1.07 -0.19 19.09
CA LEU B 254 1.20 -1.52 19.70
C LEU B 254 2.64 -1.78 20.11
N LEU B 255 3.57 -1.51 19.18
CA LEU B 255 5.00 -1.68 19.52
C LEU B 255 5.48 -0.82 20.74
N GLU B 256 4.95 0.40 20.82
CA GLU B 256 5.30 1.27 21.94
C GLU B 256 4.70 0.81 23.26
N SER B 257 3.43 0.44 23.29
CA SER B 257 2.83 -0.04 24.53
C SER B 257 3.28 -1.44 24.94
N TYR B 258 3.65 -2.29 23.97
CA TYR B 258 4.06 -3.66 24.24
C TYR B 258 5.35 -4.02 23.55
N PRO B 259 6.46 -3.53 24.13
CA PRO B 259 7.75 -3.69 23.51
C PRO B 259 8.12 -5.14 23.19
N GLU B 260 7.54 -6.12 23.90
CA GLU B 260 7.77 -7.55 23.63
C GLU B 260 7.47 -7.88 22.18
N TYR B 261 6.59 -7.10 21.52
CA TYR B 261 6.39 -7.37 20.08
C TYR B 261 7.67 -7.20 19.25
N LYS B 262 8.68 -6.54 19.79
CA LYS B 262 9.92 -6.35 19.09
C LYS B 262 10.69 -7.64 18.89
N ASP B 263 10.50 -8.59 19.79
CA ASP B 263 11.03 -9.96 19.60
C ASP B 263 10.48 -10.62 18.34
N SER B 264 9.18 -10.42 18.09
CA SER B 264 8.57 -10.92 16.88
C SER B 264 9.07 -10.22 15.64
N VAL B 265 9.24 -8.91 15.69
CA VAL B 265 9.79 -8.17 14.55
C VAL B 265 11.17 -8.74 14.20
N GLN B 266 11.97 -8.93 15.25
CA GLN B 266 13.30 -9.56 15.05
C GLN B 266 13.26 -10.96 14.46
N GLU B 267 12.47 -11.84 15.06
CA GLU B 267 12.46 -13.26 14.63
C GLU B 267 11.88 -13.40 13.22
N THR B 268 10.80 -12.68 12.95
CA THR B 268 10.24 -12.76 11.55
C THR B 268 11.27 -12.24 10.52
N ALA B 269 12.07 -11.25 10.89
CA ALA B 269 13.15 -10.79 10.00
C ALA B 269 14.25 -11.84 9.80
N GLU B 270 14.53 -12.62 10.86
CA GLU B 270 15.63 -13.62 10.82
C GLU B 270 15.25 -14.77 9.99
N VAL B 271 14.00 -15.24 10.07
CA VAL B 271 13.71 -16.46 9.37
C VAL B 271 13.55 -16.33 7.84
N VAL B 272 13.47 -15.12 7.31
CA VAL B 272 13.45 -14.99 5.87
C VAL B 272 14.85 -14.69 5.27
N ILE B 273 15.87 -14.62 6.15
CA ILE B 273 17.31 -14.52 5.66
C ILE B 273 17.65 -15.63 4.66
N PRO B 274 17.25 -16.88 4.96
CA PRO B 274 17.59 -17.92 4.02
C PRO B 274 16.88 -17.74 2.63
N LEU B 275 15.96 -16.77 2.53
CA LEU B 275 15.18 -16.54 1.28
C LEU B 275 15.79 -15.41 0.41
N MET B 276 16.90 -14.86 0.92
CA MET B 276 17.67 -13.85 0.23
C MET B 276 18.67 -14.45 -0.73
N ALA B 277 19.06 -13.70 -1.78
CA ALA B 277 20.05 -14.26 -2.79
C ALA B 277 21.41 -14.66 -2.15
#